data_8H6N
#
_entry.id   8H6N
#
_cell.length_a   45.697
_cell.length_b   63.904
_cell.length_c   106.117
_cell.angle_alpha   90.000
_cell.angle_beta   90.000
_cell.angle_gamma   90.000
#
_symmetry.space_group_name_H-M   'P 21 21 2'
#
loop_
_entity.id
_entity.type
_entity.pdbx_description
1 polymer '3C-like proteinase nsp5'
2 non-polymer (1R,2S,5S)-N-{(1E,2S)-1-imino-3-[(3S)-2-oxopyrrolidin-3-yl]propan-2-yl}-6,6-dimethyl-3-[3-methyl-N-(trifluoroacetyl)-L-valyl]-3-azabicyclo[3.1.0]hexane-2-carboxamide
3 non-polymer 2-(diethylamino)-N-(2,6-dimethylphenyl)ethanamide
4 water water
#
_entity_poly.entity_id   1
_entity_poly.type   'polypeptide(L)'
_entity_poly.pdbx_seq_one_letter_code
;SGFRKMAFPSGKVEGCMVQVICGTTTLNGLWLDDVVYCPRHVICTSEDMLNPNYEDLLIRKSNHNFLVQAGNVQLRVIGH
SMQNCVLKLKVDTANPKTPKYKFVRIQPGQTFSVLACYNGSPSGVYQCAMRPNFTIKGSFLNGSCGSVGFNIDYDCVSFC
YMHHMELPTGVHAGTDLEGNFYGPFVDRQTAQAAGTDTTITVNVLAWLYAAVINGDRWFLNRFTTTLNDFNLVAMKYNYE
PLTQDHVDILGPLSAQTGIAVLDMCASLKELLQNGMNGRTILGSALLEDEFTPFDVVRQCSGVTFQ
;
_entity_poly.pdbx_strand_id   A
#
loop_
_chem_comp.id
_chem_comp.type
_chem_comp.name
_chem_comp.formula
4WI non-polymer (1R,2S,5S)-N-{(1E,2S)-1-imino-3-[(3S)-2-oxopyrrolidin-3-yl]propan-2-yl}-6,6-dimethyl-3-[3-methyl-N-(trifluoroacetyl)-L-valyl]-3-azabicyclo[3.1.0]hexane-2-carboxamide 'C23 H34 F3 N5 O4'
LQZ non-polymer 2-(diethylamino)-N-(2,6-dimethylphenyl)ethanamide 'C14 H22 N2 O'
#
# COMPACT_ATOMS: atom_id res chain seq x y z
N SER A 1 -23.70 -9.48 -5.23
CA SER A 1 -23.23 -9.34 -3.85
CA SER A 1 -23.30 -9.49 -3.83
C SER A 1 -21.93 -10.13 -3.64
N GLY A 2 -21.51 -10.24 -2.39
CA GLY A 2 -20.21 -10.78 -2.07
C GLY A 2 -19.22 -9.66 -1.85
N PHE A 3 -18.19 -9.94 -1.07
CA PHE A 3 -17.22 -8.90 -0.75
C PHE A 3 -15.86 -9.54 -0.60
N ARG A 4 -14.91 -9.14 -1.43
CA ARG A 4 -13.58 -9.72 -1.42
C ARG A 4 -12.52 -8.63 -1.36
N LYS A 5 -11.35 -9.01 -0.86
CA LYS A 5 -10.20 -8.13 -0.95
C LYS A 5 -9.82 -8.09 -2.41
N MET A 6 -10.01 -6.95 -3.04
CA MET A 6 -9.87 -6.77 -4.48
C MET A 6 -8.71 -5.85 -4.80
N ALA A 7 -7.87 -6.26 -5.73
CA ALA A 7 -6.80 -5.40 -6.24
C ALA A 7 -7.24 -4.71 -7.52
N PHE A 8 -6.57 -3.61 -7.85
CA PHE A 8 -6.79 -3.00 -9.16
C PHE A 8 -6.24 -3.90 -10.25
N PRO A 9 -6.82 -3.85 -11.47
CA PRO A 9 -6.18 -4.55 -12.59
C PRO A 9 -4.78 -4.00 -12.78
N SER A 10 -3.86 -4.89 -13.09
CA SER A 10 -2.43 -4.64 -12.98
C SER A 10 -1.76 -4.38 -14.33
N GLY A 11 -2.51 -4.47 -15.43
CA GLY A 11 -1.87 -4.48 -16.75
C GLY A 11 -1.05 -3.24 -17.03
N LYS A 12 -1.56 -2.06 -16.68
CA LYS A 12 -0.83 -0.82 -16.94
C LYS A 12 0.50 -0.79 -16.20
N VAL A 13 0.52 -1.33 -14.98
CA VAL A 13 1.77 -1.37 -14.21
C VAL A 13 2.71 -2.44 -14.73
N GLU A 14 2.17 -3.60 -15.17
CA GLU A 14 3.00 -4.65 -15.72
C GLU A 14 3.87 -4.13 -16.86
N GLY A 15 3.29 -3.26 -17.67
CA GLY A 15 4.00 -2.69 -18.82
C GLY A 15 5.15 -1.79 -18.45
N CYS A 16 5.29 -1.46 -17.17
CA CYS A 16 6.34 -0.57 -16.67
C CYS A 16 7.44 -1.30 -15.90
N MET A 17 7.32 -2.60 -15.66
CA MET A 17 8.27 -3.28 -14.79
C MET A 17 9.47 -3.75 -15.60
N VAL A 18 10.67 -3.48 -15.09
CA VAL A 18 11.90 -3.90 -15.72
C VAL A 18 12.82 -4.51 -14.64
N GLN A 19 13.88 -5.18 -15.12
CA GLN A 19 14.93 -5.73 -14.26
C GLN A 19 16.08 -4.73 -14.23
N VAL A 20 16.58 -4.42 -13.03
CA VAL A 20 17.78 -3.62 -12.87
C VAL A 20 18.86 -4.47 -12.21
N ILE A 21 20.02 -4.56 -12.86
CA ILE A 21 21.16 -5.31 -12.33
C ILE A 21 22.32 -4.35 -12.16
N CYS A 22 22.92 -4.38 -10.98
CA CYS A 22 24.14 -3.62 -10.72
C CYS A 22 25.15 -4.61 -10.17
N GLY A 23 26.16 -4.94 -10.99
CA GLY A 23 27.10 -5.99 -10.64
C GLY A 23 26.39 -7.30 -10.47
N THR A 24 26.29 -7.76 -9.22
CA THR A 24 25.63 -9.01 -8.91
C THR A 24 24.25 -8.83 -8.29
N THR A 25 23.91 -7.63 -7.83
CA THR A 25 22.63 -7.38 -7.18
C THR A 25 21.56 -7.13 -8.24
N THR A 26 20.41 -7.76 -8.08
CA THR A 26 19.35 -7.71 -9.08
C THR A 26 18.05 -7.37 -8.38
N LEU A 27 17.29 -6.42 -8.94
CA LEU A 27 15.97 -6.14 -8.39
C LEU A 27 15.11 -5.50 -9.48
N ASN A 28 13.96 -4.98 -9.08
CA ASN A 28 12.98 -4.47 -10.03
C ASN A 28 13.11 -2.96 -10.17
N GLY A 29 12.81 -2.46 -11.37
CA GLY A 29 12.66 -1.04 -11.58
C GLY A 29 11.34 -0.71 -12.26
N LEU A 30 10.97 0.57 -12.19
CA LEU A 30 9.71 1.09 -12.74
C LEU A 30 10.11 2.01 -13.89
N TRP A 31 9.72 1.66 -15.10
CA TRP A 31 10.14 2.37 -16.31
C TRP A 31 9.02 3.30 -16.79
N LEU A 32 9.22 4.62 -16.66
CA LEU A 32 8.23 5.63 -17.03
C LEU A 32 8.93 6.69 -17.86
N ASP A 33 8.40 6.96 -19.05
CA ASP A 33 9.09 7.80 -20.04
C ASP A 33 10.50 7.21 -20.18
N ASP A 34 11.56 8.03 -20.13
CA ASP A 34 12.94 7.54 -20.25
C ASP A 34 13.66 7.46 -18.91
N VAL A 35 12.94 7.17 -17.83
CA VAL A 35 13.56 7.05 -16.51
C VAL A 35 13.15 5.72 -15.93
N VAL A 36 14.11 5.05 -15.29
CA VAL A 36 13.84 3.85 -14.50
C VAL A 36 14.10 4.19 -13.04
N TYR A 37 13.10 3.96 -12.20
CA TYR A 37 13.19 4.22 -10.77
C TYR A 37 13.38 2.91 -10.06
N CYS A 38 14.31 2.85 -9.10
CA CYS A 38 14.49 1.61 -8.35
C CYS A 38 15.12 1.93 -7.00
N PRO A 39 15.13 0.97 -6.08
CA PRO A 39 15.73 1.23 -4.77
C PRO A 39 17.23 1.44 -4.90
N ARG A 40 17.74 2.40 -4.13
CA ARG A 40 19.16 2.68 -4.25
C ARG A 40 20.03 1.52 -3.78
N HIS A 41 19.52 0.62 -2.92
CA HIS A 41 20.43 -0.43 -2.43
C HIS A 41 20.75 -1.48 -3.51
N VAL A 42 20.28 -1.31 -4.75
CA VAL A 42 20.79 -2.12 -5.86
C VAL A 42 22.29 -1.95 -6.03
N ILE A 43 22.87 -0.83 -5.56
CA ILE A 43 24.30 -0.61 -5.73
C ILE A 43 25.12 -1.25 -4.62
N CYS A 44 24.48 -1.95 -3.68
CA CYS A 44 25.15 -2.51 -2.52
C CYS A 44 25.51 -3.96 -2.73
N THR A 45 26.71 -4.34 -2.30
CA THR A 45 26.96 -5.75 -2.01
C THR A 45 26.24 -6.13 -0.73
N SER A 46 26.22 -7.44 -0.44
CA SER A 46 25.63 -7.89 0.81
C SER A 46 26.31 -7.26 2.01
N GLU A 47 27.64 -7.11 1.96
CA GLU A 47 28.38 -6.46 3.05
C GLU A 47 28.02 -4.99 3.16
N ASP A 48 27.89 -4.29 2.03
CA ASP A 48 27.58 -2.86 2.06
C ASP A 48 26.28 -2.60 2.81
N MET A 49 25.31 -3.50 2.68
CA MET A 49 23.99 -3.29 3.23
C MET A 49 24.00 -3.17 4.75
N LEU A 50 25.01 -3.73 5.42
CA LEU A 50 25.08 -3.62 6.87
C LEU A 50 25.23 -2.18 7.34
N ASN A 51 25.97 -1.34 6.59
CA ASN A 51 26.16 0.06 6.96
C ASN A 51 26.56 0.88 5.74
N PRO A 52 25.64 1.11 4.81
CA PRO A 52 26.05 1.67 3.51
C PRO A 52 26.19 3.18 3.56
N ASN A 53 27.17 3.68 2.82
CA ASN A 53 27.26 5.09 2.47
C ASN A 53 26.88 5.16 0.99
N TYR A 54 25.60 5.43 0.71
CA TYR A 54 25.11 5.34 -0.66
C TYR A 54 25.76 6.37 -1.57
N GLU A 55 26.02 7.58 -1.04
CA GLU A 55 26.67 8.60 -1.85
C GLU A 55 28.04 8.14 -2.32
N ASP A 56 28.82 7.54 -1.41
CA ASP A 56 30.13 7.00 -1.78
C ASP A 56 29.98 5.85 -2.78
N LEU A 57 29.06 4.93 -2.53
CA LEU A 57 28.90 3.78 -3.43
C LEU A 57 28.50 4.24 -4.83
N LEU A 58 27.67 5.28 -4.92
CA LEU A 58 27.20 5.72 -6.23
C LEU A 58 28.29 6.48 -6.98
N ILE A 59 29.15 7.22 -6.27
CA ILE A 59 30.33 7.85 -6.89
C ILE A 59 31.05 6.86 -7.77
N ARG A 60 31.26 5.67 -7.24
CA ARG A 60 32.14 4.67 -7.78
C ARG A 60 31.53 3.98 -8.99
N LYS A 61 30.23 4.18 -9.22
CA LYS A 61 29.52 3.60 -10.35
C LYS A 61 29.51 4.59 -11.51
N SER A 62 29.57 4.06 -12.73
CA SER A 62 29.26 4.85 -13.90
C SER A 62 27.97 4.30 -14.50
N ASN A 63 27.49 4.96 -15.56
CA ASN A 63 26.30 4.47 -16.26
C ASN A 63 26.45 3.03 -16.70
N HIS A 64 27.67 2.62 -17.08
CA HIS A 64 27.89 1.27 -17.55
C HIS A 64 27.73 0.22 -16.47
N ASN A 65 27.73 0.60 -15.20
CA ASN A 65 27.60 -0.37 -14.13
C ASN A 65 26.16 -0.83 -13.92
N PHE A 66 25.20 -0.23 -14.63
CA PHE A 66 23.79 -0.57 -14.49
C PHE A 66 23.28 -1.20 -15.78
N LEU A 67 22.66 -2.37 -15.66
CA LEU A 67 22.05 -3.05 -16.78
C LEU A 67 20.55 -3.05 -16.54
N VAL A 68 19.79 -2.62 -17.52
CA VAL A 68 18.33 -2.60 -17.44
C VAL A 68 17.78 -3.49 -18.54
N GLN A 69 16.98 -4.48 -18.15
CA GLN A 69 16.40 -5.44 -19.07
C GLN A 69 14.89 -5.28 -19.08
N ALA A 70 14.33 -5.00 -20.26
CA ALA A 70 12.90 -4.82 -20.46
C ALA A 70 12.46 -5.88 -21.46
N GLY A 71 11.97 -7.02 -20.96
CA GLY A 71 11.67 -8.12 -21.85
C GLY A 71 12.95 -8.65 -22.46
N ASN A 72 12.97 -8.80 -23.79
CA ASN A 72 14.13 -9.30 -24.49
C ASN A 72 15.09 -8.19 -24.89
N VAL A 73 14.83 -6.95 -24.49
CA VAL A 73 15.59 -5.78 -24.91
C VAL A 73 16.39 -5.25 -23.72
N GLN A 74 17.68 -5.01 -23.93
CA GLN A 74 18.47 -4.30 -22.94
C GLN A 74 18.42 -2.81 -23.25
N LEU A 75 18.23 -1.99 -22.21
CA LEU A 75 18.15 -0.54 -22.34
C LEU A 75 19.44 0.08 -21.83
N ARG A 76 20.05 0.92 -22.66
CA ARG A 76 21.29 1.58 -22.24
C ARG A 76 21.00 2.68 -21.24
N VAL A 77 21.71 2.64 -20.11
CA VAL A 77 21.64 3.70 -19.11
C VAL A 77 22.56 4.82 -19.57
N ILE A 78 22.01 6.04 -19.68
CA ILE A 78 22.76 7.19 -20.16
C ILE A 78 22.81 8.32 -19.14
N GLY A 79 22.33 8.06 -17.93
CA GLY A 79 22.47 9.00 -16.82
C GLY A 79 21.96 8.35 -15.56
N HIS A 80 22.42 8.86 -14.44
CA HIS A 80 21.90 8.35 -13.18
C HIS A 80 21.97 9.43 -12.12
N SER A 81 21.04 9.35 -11.18
CA SER A 81 21.07 10.22 -10.03
C SER A 81 20.33 9.56 -8.89
N MET A 82 20.56 10.08 -7.69
CA MET A 82 19.91 9.64 -6.47
C MET A 82 18.92 10.68 -5.99
N GLN A 83 17.70 10.25 -5.65
CA GLN A 83 16.72 11.12 -5.02
C GLN A 83 16.26 10.41 -3.75
N ASN A 84 16.74 10.88 -2.60
CA ASN A 84 16.50 10.23 -1.33
C ASN A 84 16.88 8.74 -1.44
N CYS A 85 15.94 7.81 -1.21
CA CYS A 85 16.28 6.39 -1.23
C CYS A 85 16.01 5.72 -2.57
N VAL A 86 15.77 6.48 -3.62
CA VAL A 86 15.50 5.92 -4.93
C VAL A 86 16.59 6.36 -5.90
N LEU A 87 16.95 5.45 -6.80
CA LEU A 87 17.88 5.75 -7.87
C LEU A 87 17.08 5.97 -9.13
N LYS A 88 17.46 7.00 -9.90
CA LYS A 88 16.80 7.29 -11.16
C LYS A 88 17.80 7.09 -12.29
N LEU A 89 17.52 6.13 -13.16
CA LEU A 89 18.40 5.81 -14.26
C LEU A 89 17.79 6.34 -15.55
N LYS A 90 18.45 7.29 -16.17
CA LYS A 90 17.98 7.74 -17.46
C LYS A 90 18.40 6.72 -18.51
N VAL A 91 17.45 6.26 -19.31
CA VAL A 91 17.72 5.27 -20.34
C VAL A 91 17.52 5.89 -21.73
N ASP A 92 18.04 5.20 -22.74
CA ASP A 92 18.05 5.76 -24.09
C ASP A 92 16.72 5.61 -24.81
N THR A 93 15.71 5.00 -24.18
CA THR A 93 14.44 4.71 -24.81
C THR A 93 13.36 5.04 -23.81
N ALA A 94 12.38 5.83 -24.24
CA ALA A 94 11.21 6.06 -23.42
C ALA A 94 10.25 4.90 -23.57
N ASN A 95 9.61 4.52 -22.46
CA ASN A 95 8.73 3.36 -22.48
C ASN A 95 7.48 3.67 -23.29
N PRO A 96 7.24 2.98 -24.41
CA PRO A 96 6.01 3.25 -25.19
C PRO A 96 4.74 2.85 -24.48
N LYS A 97 4.85 2.06 -23.40
CA LYS A 97 3.72 1.62 -22.60
C LYS A 97 3.49 2.48 -21.39
N THR A 98 4.15 3.63 -21.29
CA THR A 98 3.98 4.51 -20.13
C THR A 98 2.52 4.91 -20.05
N PRO A 99 1.83 4.62 -18.94
CA PRO A 99 0.45 5.09 -18.79
C PRO A 99 0.45 6.52 -18.28
N LYS A 100 -0.72 7.17 -18.38
CA LYS A 100 -0.90 8.39 -17.61
C LYS A 100 -0.65 8.06 -16.14
N TYR A 101 0.16 8.86 -15.46
CA TYR A 101 0.56 8.50 -14.11
C TYR A 101 0.85 9.73 -13.26
N LYS A 102 0.82 9.50 -11.95
CA LYS A 102 1.17 10.48 -10.95
C LYS A 102 2.01 9.78 -9.90
N PHE A 103 2.85 10.53 -9.20
CA PHE A 103 3.47 10.09 -7.95
C PHE A 103 2.74 10.75 -6.79
N VAL A 104 2.20 9.96 -5.86
CA VAL A 104 1.50 10.49 -4.70
C VAL A 104 2.06 9.89 -3.42
N ARG A 105 1.92 10.62 -2.32
CA ARG A 105 2.25 10.09 -1.01
C ARG A 105 0.96 9.88 -0.23
N ILE A 106 0.68 8.64 0.16
CA ILE A 106 -0.58 8.33 0.81
C ILE A 106 -0.45 8.51 2.31
N GLN A 107 -1.62 8.58 2.97
CA GLN A 107 -1.84 8.73 4.39
C GLN A 107 -2.09 7.36 5.04
N PRO A 108 -1.73 7.20 6.32
CA PRO A 108 -2.07 5.96 7.01
C PRO A 108 -3.56 5.69 6.94
N GLY A 109 -3.91 4.43 6.73
CA GLY A 109 -5.28 4.03 6.52
C GLY A 109 -5.67 3.90 5.05
N GLN A 110 -4.94 4.55 4.15
CA GLN A 110 -5.28 4.42 2.74
C GLN A 110 -4.73 3.10 2.21
N THR A 111 -5.40 2.56 1.20
CA THR A 111 -5.08 1.27 0.61
C THR A 111 -4.53 1.44 -0.80
N PHE A 112 -3.93 0.37 -1.29
CA PHE A 112 -3.35 0.38 -2.63
C PHE A 112 -3.08 -1.06 -3.05
N SER A 113 -2.86 -1.27 -4.35
CA SER A 113 -2.52 -2.58 -4.86
C SER A 113 -1.02 -2.68 -5.02
N VAL A 114 -0.49 -3.87 -4.75
CA VAL A 114 0.94 -4.16 -4.91
C VAL A 114 1.09 -5.16 -6.03
N LEU A 115 1.95 -4.85 -7.02
CA LEU A 115 2.32 -5.82 -8.03
C LEU A 115 3.68 -6.39 -7.60
N ALA A 116 3.64 -7.57 -6.99
CA ALA A 116 4.86 -8.20 -6.48
C ALA A 116 5.61 -8.78 -7.68
N CYS A 117 6.88 -8.36 -7.85
CA CYS A 117 7.69 -8.74 -9.00
C CYS A 117 9.03 -9.30 -8.56
N TYR A 118 9.62 -10.15 -9.40
CA TYR A 118 10.97 -10.68 -9.23
C TYR A 118 11.64 -10.65 -10.59
N ASN A 119 12.86 -10.13 -10.63
CA ASN A 119 13.64 -10.12 -11.88
C ASN A 119 12.91 -9.35 -12.98
N GLY A 120 12.15 -8.33 -12.61
CA GLY A 120 11.41 -7.54 -13.58
C GLY A 120 10.10 -8.15 -14.03
N SER A 121 9.73 -9.32 -13.49
CA SER A 121 8.55 -10.03 -13.96
C SER A 121 7.51 -10.12 -12.85
N PRO A 122 6.23 -9.99 -13.18
CA PRO A 122 5.19 -9.99 -12.15
C PRO A 122 4.91 -11.39 -11.62
N SER A 123 4.76 -11.48 -10.30
CA SER A 123 4.43 -12.74 -9.65
C SER A 123 2.95 -12.75 -9.25
N GLY A 124 2.43 -11.63 -8.78
CA GLY A 124 1.05 -11.60 -8.30
C GLY A 124 0.67 -10.20 -7.85
N VAL A 125 -0.61 -10.04 -7.57
CA VAL A 125 -1.15 -8.75 -7.17
C VAL A 125 -2.01 -8.92 -5.94
N TYR A 126 -1.87 -8.00 -4.99
CA TYR A 126 -2.71 -8.02 -3.80
C TYR A 126 -2.92 -6.62 -3.26
N GLN A 127 -3.92 -6.48 -2.40
CA GLN A 127 -4.26 -5.19 -1.81
C GLN A 127 -3.65 -5.08 -0.42
N CYS A 128 -3.13 -3.88 -0.10
CA CYS A 128 -2.45 -3.53 1.15
C CYS A 128 -3.03 -2.24 1.70
N ALA A 129 -2.89 -2.01 3.00
CA ALA A 129 -3.15 -0.70 3.59
C ALA A 129 -1.87 -0.14 4.17
N MET A 130 -1.69 1.17 4.09
CA MET A 130 -0.65 1.82 4.87
C MET A 130 -1.08 1.81 6.33
N ARG A 131 -0.37 1.08 7.18
CA ARG A 131 -0.77 0.99 8.59
C ARG A 131 -0.50 2.30 9.31
N PRO A 132 -1.20 2.53 10.43
CA PRO A 132 -0.90 3.72 11.23
C PRO A 132 0.55 3.78 11.70
N ASN A 133 1.23 2.64 11.86
CA ASN A 133 2.64 2.67 12.21
C ASN A 133 3.56 2.69 10.99
N PHE A 134 3.01 2.97 9.79
CA PHE A 134 3.78 3.23 8.58
C PHE A 134 4.49 1.98 8.04
N THR A 135 3.96 0.81 8.38
CA THR A 135 4.32 -0.43 7.72
C THR A 135 3.15 -0.86 6.83
N ILE A 136 3.41 -1.85 5.99
CA ILE A 136 2.34 -2.57 5.30
C ILE A 136 2.51 -4.06 5.56
N LYS A 137 1.40 -4.76 5.58
CA LYS A 137 1.40 -6.22 5.73
C LYS A 137 1.40 -6.81 4.32
N GLY A 138 2.58 -6.98 3.75
CA GLY A 138 2.72 -7.52 2.42
C GLY A 138 3.18 -8.96 2.40
N SER A 139 3.60 -9.39 1.21
CA SER A 139 4.16 -10.72 1.00
C SER A 139 5.31 -10.53 0.02
N PHE A 140 6.53 -10.57 0.53
CA PHE A 140 7.69 -10.19 -0.26
C PHE A 140 8.86 -11.09 0.07
N LEU A 141 9.61 -11.47 -0.95
CA LEU A 141 10.78 -12.34 -0.77
C LEU A 141 12.05 -11.60 -1.22
N ASN A 142 13.19 -12.28 -1.13
CA ASN A 142 14.40 -11.72 -1.70
C ASN A 142 14.17 -11.40 -3.17
N GLY A 143 14.70 -10.25 -3.61
CA GLY A 143 14.54 -9.80 -4.98
C GLY A 143 13.25 -9.08 -5.29
N SER A 144 12.37 -8.89 -4.32
CA SER A 144 11.09 -8.20 -4.54
C SER A 144 11.23 -6.68 -4.56
N CYS A 145 12.36 -6.16 -4.08
CA CYS A 145 12.50 -4.71 -3.95
C CYS A 145 12.38 -4.04 -5.30
N GLY A 146 11.73 -2.87 -5.30
CA GLY A 146 11.37 -2.19 -6.55
C GLY A 146 9.97 -2.51 -7.03
N SER A 147 9.33 -3.54 -6.47
CA SER A 147 7.90 -3.73 -6.69
C SER A 147 7.17 -2.49 -6.19
N VAL A 148 6.07 -2.11 -6.87
CA VAL A 148 5.41 -0.86 -6.51
C VAL A 148 3.99 -1.07 -6.04
N GLY A 149 3.50 -0.09 -5.30
CA GLY A 149 2.11 -0.01 -4.91
C GLY A 149 1.44 1.14 -5.63
N PHE A 150 0.14 0.99 -5.94
CA PHE A 150 -0.50 1.96 -6.82
C PHE A 150 -2.01 1.94 -6.63
N ASN A 151 -2.65 3.02 -7.07
CA ASN A 151 -4.09 3.10 -7.22
C ASN A 151 -4.37 3.53 -8.64
N ILE A 152 -5.55 3.19 -9.16
CA ILE A 152 -5.94 3.65 -10.48
C ILE A 152 -7.14 4.59 -10.39
N ASP A 153 -7.16 5.61 -11.25
CA ASP A 153 -8.28 6.54 -11.37
C ASP A 153 -8.59 6.65 -12.86
N TYR A 154 -9.58 5.89 -13.32
CA TYR A 154 -9.94 5.82 -14.73
C TYR A 154 -8.74 5.32 -15.53
N ASP A 155 -7.95 6.22 -16.09
CA ASP A 155 -6.80 5.84 -16.89
C ASP A 155 -5.47 6.21 -16.26
N CYS A 156 -5.47 6.81 -15.06
CA CYS A 156 -4.28 7.37 -14.44
C CYS A 156 -3.80 6.47 -13.31
N VAL A 157 -2.55 6.04 -13.39
CA VAL A 157 -1.95 5.22 -12.34
C VAL A 157 -1.27 6.16 -11.34
N SER A 158 -1.72 6.12 -10.07
CA SER A 158 -1.09 6.90 -9.00
C SER A 158 -0.18 5.96 -8.23
N PHE A 159 1.12 6.06 -8.49
CA PHE A 159 2.10 5.24 -7.77
C PHE A 159 2.36 5.84 -6.40
N CYS A 160 2.25 5.02 -5.34
CA CYS A 160 2.40 5.53 -3.99
C CYS A 160 3.44 4.79 -3.17
N TYR A 161 3.95 3.67 -3.64
CA TYR A 161 4.84 2.88 -2.80
C TYR A 161 5.88 2.18 -3.66
N MET A 162 7.11 2.12 -3.16
CA MET A 162 8.16 1.27 -3.72
C MET A 162 8.70 0.43 -2.59
N HIS A 163 8.84 -0.88 -2.79
CA HIS A 163 9.24 -1.76 -1.70
C HIS A 163 10.75 -1.77 -1.46
N HIS A 164 11.15 -1.69 -0.17
CA HIS A 164 12.57 -1.69 0.19
C HIS A 164 12.99 -2.75 1.22
N MET A 165 12.14 -3.11 2.19
CA MET A 165 12.66 -3.91 3.30
C MET A 165 11.55 -4.60 4.10
N GLU A 166 11.99 -5.57 4.91
CA GLU A 166 11.12 -6.28 5.84
C GLU A 166 11.61 -6.10 7.26
N LEU A 167 10.67 -5.85 8.15
CA LEU A 167 10.88 -5.58 9.57
C LEU A 167 10.44 -6.77 10.40
N PRO A 168 10.86 -6.84 11.67
CA PRO A 168 10.40 -7.92 12.54
C PRO A 168 8.88 -7.98 12.62
N THR A 169 8.39 -9.20 12.84
CA THR A 169 7.02 -9.66 12.73
C THR A 169 6.65 -9.89 11.27
N GLY A 170 7.57 -9.69 10.33
CA GLY A 170 7.28 -9.96 8.94
C GLY A 170 6.40 -8.93 8.28
N VAL A 171 6.55 -7.66 8.66
CA VAL A 171 5.84 -6.57 8.01
C VAL A 171 6.86 -5.79 7.20
N HIS A 172 6.35 -4.87 6.38
CA HIS A 172 7.18 -4.32 5.32
C HIS A 172 7.21 -2.80 5.30
N ALA A 173 8.32 -2.28 4.79
CA ALA A 173 8.53 -0.84 4.75
C ALA A 173 9.13 -0.44 3.40
N GLY A 174 8.81 0.78 3.00
CA GLY A 174 9.26 1.29 1.72
C GLY A 174 9.04 2.79 1.62
N THR A 175 9.13 3.28 0.39
CA THR A 175 9.18 4.70 0.13
C THR A 175 8.07 5.11 -0.83
N ASP A 176 7.82 6.42 -0.89
CA ASP A 176 7.09 6.92 -2.04
C ASP A 176 8.03 6.97 -3.24
N LEU A 177 7.53 7.45 -4.38
CA LEU A 177 8.36 7.39 -5.57
C LEU A 177 9.32 8.57 -5.67
N GLU A 178 9.35 9.44 -4.66
CA GLU A 178 10.43 10.39 -4.47
C GLU A 178 11.52 9.84 -3.56
N GLY A 179 11.39 8.59 -3.13
CA GLY A 179 12.40 7.95 -2.31
C GLY A 179 12.33 8.26 -0.83
N ASN A 180 11.25 8.90 -0.36
CA ASN A 180 11.13 9.21 1.05
C ASN A 180 10.39 8.10 1.76
N PHE A 181 11.02 7.52 2.78
CA PHE A 181 10.39 6.42 3.49
C PHE A 181 9.07 6.85 4.12
N TYR A 182 8.13 5.91 4.13
CA TYR A 182 7.01 5.98 5.06
C TYR A 182 7.51 5.52 6.42
N GLY A 183 7.33 6.35 7.43
CA GLY A 183 7.77 5.99 8.77
C GLY A 183 9.24 6.27 9.02
N PRO A 184 9.69 6.01 10.24
CA PRO A 184 11.06 6.39 10.63
C PRO A 184 12.09 5.31 10.32
N PHE A 185 12.01 4.69 9.17
CA PHE A 185 12.90 3.59 8.84
C PHE A 185 13.97 4.05 7.88
N VAL A 186 15.08 3.31 7.85
CA VAL A 186 16.21 3.58 6.98
C VAL A 186 16.56 2.31 6.22
N ASP A 187 17.11 2.49 5.01
CA ASP A 187 17.51 1.34 4.19
C ASP A 187 18.94 0.94 4.54
N ARG A 188 19.04 0.35 5.72
CA ARG A 188 20.26 -0.22 6.25
C ARG A 188 19.90 -1.51 6.97
N GLN A 189 20.73 -2.54 6.78
CA GLN A 189 20.52 -3.81 7.48
C GLN A 189 21.05 -3.69 8.91
N THR A 190 20.24 -3.05 9.74
CA THR A 190 20.48 -3.02 11.17
C THR A 190 19.14 -3.08 11.89
N ALA A 191 19.17 -3.55 13.14
CA ALA A 191 17.95 -3.84 13.86
C ALA A 191 17.03 -2.63 13.91
N GLN A 192 15.82 -2.78 13.38
CA GLN A 192 14.81 -1.74 13.42
C GLN A 192 13.47 -2.42 13.72
N ALA A 193 12.55 -1.67 14.31
CA ALA A 193 11.26 -2.25 14.65
C ALA A 193 10.17 -1.21 14.48
N ALA A 194 9.02 -1.66 13.98
CA ALA A 194 7.86 -0.79 13.91
C ALA A 194 7.32 -0.54 15.30
N GLY A 195 6.74 0.65 15.49
CA GLY A 195 6.03 0.96 16.70
C GLY A 195 4.72 0.20 16.77
N THR A 196 4.06 0.35 17.92
CA THR A 196 2.78 -0.33 18.11
C THR A 196 1.79 0.12 17.06
N ASP A 197 1.20 -0.83 16.37
CA ASP A 197 0.20 -0.49 15.37
C ASP A 197 -1.17 -0.34 16.05
N THR A 198 -2.08 0.32 15.33
CA THR A 198 -3.43 0.56 15.81
C THR A 198 -4.41 0.19 14.71
N THR A 199 -5.69 0.07 15.08
CA THR A 199 -6.74 -0.31 14.14
C THR A 199 -7.36 0.93 13.50
N ILE A 200 -7.54 0.89 12.19
CA ILE A 200 -8.03 2.00 11.38
C ILE A 200 -9.56 2.02 11.49
N THR A 201 -10.07 2.85 12.41
CA THR A 201 -11.47 2.83 12.78
C THR A 201 -12.39 3.18 11.61
N VAL A 202 -12.02 4.21 10.84
CA VAL A 202 -12.89 4.60 9.74
C VAL A 202 -13.05 3.46 8.75
N ASN A 203 -12.00 2.66 8.57
CA ASN A 203 -12.08 1.52 7.64
C ASN A 203 -12.91 0.39 8.22
N VAL A 204 -12.82 0.14 9.53
CA VAL A 204 -13.71 -0.85 10.12
C VAL A 204 -15.18 -0.46 9.89
N LEU A 205 -15.51 0.83 10.10
CA LEU A 205 -16.89 1.26 9.86
C LEU A 205 -17.27 1.08 8.40
N ALA A 206 -16.35 1.39 7.47
CA ALA A 206 -16.66 1.17 6.06
C ALA A 206 -17.02 -0.28 5.79
N TRP A 207 -16.26 -1.20 6.39
CA TRP A 207 -16.49 -2.62 6.20
C TRP A 207 -17.77 -3.10 6.86
N LEU A 208 -18.16 -2.52 8.01
CA LEU A 208 -19.48 -2.81 8.56
C LEU A 208 -20.59 -2.35 7.61
N TYR A 209 -20.41 -1.20 6.93
CA TYR A 209 -21.39 -0.82 5.91
C TYR A 209 -21.41 -1.83 4.78
N ALA A 210 -20.24 -2.31 4.36
CA ALA A 210 -20.19 -3.34 3.33
C ALA A 210 -20.96 -4.58 3.78
N ALA A 211 -20.81 -4.94 5.05
CA ALA A 211 -21.54 -6.09 5.57
C ALA A 211 -23.04 -5.87 5.48
N VAL A 212 -23.51 -4.67 5.86
CA VAL A 212 -24.95 -4.40 5.82
C VAL A 212 -25.45 -4.42 4.39
N ILE A 213 -24.69 -3.85 3.47
CA ILE A 213 -25.06 -3.87 2.06
C ILE A 213 -25.24 -5.30 1.58
N ASN A 214 -24.43 -6.22 2.11
CA ASN A 214 -24.51 -7.63 1.77
C ASN A 214 -25.47 -8.44 2.64
N GLY A 215 -26.25 -7.79 3.50
CA GLY A 215 -27.24 -8.50 4.29
C GLY A 215 -26.75 -9.08 5.60
N ASP A 216 -25.49 -8.85 5.96
CA ASP A 216 -24.96 -9.28 7.25
C ASP A 216 -25.26 -8.16 8.24
N ARG A 217 -26.35 -8.29 9.00
CA ARG A 217 -26.86 -7.19 9.80
C ARG A 217 -27.05 -7.50 11.28
N TRP A 218 -26.55 -8.65 11.76
CA TRP A 218 -26.87 -9.08 13.12
C TRP A 218 -26.28 -8.17 14.19
N PHE A 219 -25.22 -7.44 13.87
CA PHE A 219 -24.50 -6.63 14.84
C PHE A 219 -25.10 -5.24 15.02
N LEU A 220 -26.11 -4.88 14.24
CA LEU A 220 -26.72 -3.57 14.33
C LEU A 220 -27.54 -3.48 15.61
N ASN A 221 -27.14 -2.60 16.53
CA ASN A 221 -27.96 -2.42 17.72
C ASN A 221 -28.93 -1.25 17.51
N ARG A 222 -29.73 -0.97 18.53
CA ARG A 222 -30.77 0.05 18.45
C ARG A 222 -30.30 1.39 19.01
N PHE A 223 -29.02 1.52 19.28
CA PHE A 223 -28.46 2.65 20.01
C PHE A 223 -27.80 3.64 19.06
N THR A 224 -27.57 4.84 19.56
CA THR A 224 -26.68 5.81 18.96
C THR A 224 -25.66 6.24 20.01
N THR A 225 -24.73 7.09 19.61
CA THR A 225 -23.71 7.56 20.54
C THR A 225 -23.18 8.89 20.03
N THR A 226 -22.56 9.64 20.94
CA THR A 226 -21.84 10.81 20.49
C THR A 226 -20.47 10.40 19.97
N LEU A 227 -19.88 11.26 19.14
CA LEU A 227 -18.54 10.98 18.63
C LEU A 227 -17.52 10.93 19.77
N ASN A 228 -17.68 11.80 20.77
CA ASN A 228 -16.76 11.79 21.91
C ASN A 228 -16.88 10.49 22.72
N ASP A 229 -18.12 10.04 22.97
CA ASP A 229 -18.30 8.81 23.74
C ASP A 229 -17.73 7.61 23.00
N PHE A 230 -17.93 7.54 21.68
CA PHE A 230 -17.35 6.46 20.92
C PHE A 230 -15.83 6.47 21.00
N ASN A 231 -15.20 7.64 20.86
CA ASN A 231 -13.75 7.71 20.78
C ASN A 231 -13.07 7.32 22.09
N LEU A 232 -13.66 7.64 23.24
CA LEU A 232 -13.05 7.20 24.49
C LEU A 232 -13.05 5.67 24.58
N VAL A 233 -14.13 5.03 24.17
CA VAL A 233 -14.17 3.57 24.18
C VAL A 233 -13.17 2.99 23.20
N ALA A 234 -13.09 3.54 21.99
CA ALA A 234 -12.18 2.99 20.99
C ALA A 234 -10.71 3.19 21.36
N MET A 235 -10.39 4.31 22.00
CA MET A 235 -9.01 4.56 22.43
C MET A 235 -8.54 3.45 23.37
N LYS A 236 -9.46 2.91 24.17
CA LYS A 236 -9.14 1.83 25.10
C LYS A 236 -8.68 0.58 24.34
N TYR A 237 -9.26 0.34 23.17
CA TYR A 237 -9.03 -0.88 22.41
C TYR A 237 -8.03 -0.70 21.28
N ASN A 238 -7.21 0.35 21.36
CA ASN A 238 -6.17 0.63 20.38
C ASN A 238 -6.75 0.85 18.98
N TYR A 239 -7.90 1.52 18.95
CA TYR A 239 -8.50 2.03 17.71
C TYR A 239 -8.14 3.50 17.54
N GLU A 240 -7.85 3.91 16.30
CA GLU A 240 -7.64 5.33 16.02
C GLU A 240 -8.91 6.14 16.28
N PRO A 241 -8.76 7.40 16.71
CA PRO A 241 -9.92 8.26 16.88
C PRO A 241 -10.62 8.48 15.55
N LEU A 242 -11.94 8.57 15.61
CA LEU A 242 -12.76 8.93 14.45
C LEU A 242 -12.93 10.44 14.43
N THR A 243 -12.61 11.06 13.30
CA THR A 243 -12.71 12.51 13.18
C THR A 243 -13.98 12.88 12.41
N GLN A 244 -14.34 14.17 12.49
CA GLN A 244 -15.46 14.65 11.66
C GLN A 244 -15.15 14.46 10.18
N ASP A 245 -13.89 14.56 9.79
CA ASP A 245 -13.54 14.28 8.40
C ASP A 245 -13.90 12.85 8.03
N HIS A 246 -13.58 11.90 8.91
CA HIS A 246 -13.97 10.51 8.68
C HIS A 246 -15.48 10.37 8.61
N VAL A 247 -16.20 11.02 9.53
CA VAL A 247 -17.65 10.96 9.48
C VAL A 247 -18.14 11.46 8.13
N ASP A 248 -17.58 12.58 7.66
CA ASP A 248 -18.00 13.13 6.37
C ASP A 248 -17.70 12.17 5.23
N ILE A 249 -16.55 11.49 5.30
CA ILE A 249 -16.15 10.54 4.28
C ILE A 249 -17.10 9.34 4.25
N LEU A 250 -17.64 8.94 5.40
CA LEU A 250 -18.56 7.82 5.48
C LEU A 250 -19.97 8.18 5.02
N GLY A 251 -20.22 9.46 4.70
CA GLY A 251 -21.55 9.93 4.39
C GLY A 251 -22.22 9.16 3.28
N PRO A 252 -21.53 8.93 2.16
CA PRO A 252 -22.17 8.19 1.06
C PRO A 252 -22.63 6.80 1.45
N LEU A 253 -21.86 6.07 2.27
CA LEU A 253 -22.31 4.75 2.70
C LEU A 253 -23.46 4.86 3.69
N SER A 254 -23.40 5.87 4.56
CA SER A 254 -24.50 6.11 5.50
C SER A 254 -25.80 6.39 4.78
N ALA A 255 -25.74 7.23 3.74
CA ALA A 255 -26.95 7.58 2.99
C ALA A 255 -27.49 6.38 2.21
N GLN A 256 -26.60 5.61 1.57
CA GLN A 256 -27.00 4.40 0.86
C GLN A 256 -27.77 3.45 1.76
N THR A 257 -27.23 3.14 2.93
CA THR A 257 -27.83 2.17 3.81
C THR A 257 -28.90 2.74 4.72
N GLY A 258 -28.99 4.06 4.85
CA GLY A 258 -29.93 4.62 5.80
C GLY A 258 -29.52 4.43 7.24
N ILE A 259 -28.24 4.20 7.52
CA ILE A 259 -27.74 4.05 8.88
C ILE A 259 -26.79 5.20 9.18
N ALA A 260 -27.17 6.03 10.14
CA ALA A 260 -26.33 7.16 10.54
C ALA A 260 -24.97 6.67 11.02
N VAL A 261 -23.93 7.45 10.70
CA VAL A 261 -22.58 7.04 11.09
C VAL A 261 -22.50 6.82 12.59
N LEU A 262 -23.12 7.71 13.37
CA LEU A 262 -23.02 7.54 14.82
C LEU A 262 -23.80 6.32 15.31
N ASP A 263 -24.84 5.92 14.57
CA ASP A 263 -25.51 4.66 14.90
C ASP A 263 -24.59 3.47 14.63
N MET A 264 -23.85 3.52 13.53
CA MET A 264 -22.94 2.41 13.26
C MET A 264 -21.81 2.42 14.28
N CYS A 265 -21.41 3.60 14.78
CA CYS A 265 -20.39 3.68 15.82
C CYS A 265 -20.85 3.00 17.09
N ALA A 266 -22.12 3.18 17.44
CA ALA A 266 -22.67 2.49 18.60
C ALA A 266 -22.63 0.98 18.40
N SER A 267 -22.91 0.51 17.18
CA SER A 267 -22.81 -0.91 16.88
C SER A 267 -21.37 -1.40 17.00
N LEU A 268 -20.41 -0.63 16.48
CA LEU A 268 -19.01 -0.99 16.63
C LEU A 268 -18.60 -0.97 18.10
N LYS A 269 -19.07 0.02 18.86
CA LYS A 269 -18.73 0.08 20.27
C LYS A 269 -19.16 -1.20 20.99
N GLU A 270 -20.35 -1.70 20.69
CA GLU A 270 -20.82 -2.94 21.30
C GLU A 270 -19.94 -4.13 20.91
N LEU A 271 -19.53 -4.19 19.64
CA LEU A 271 -18.64 -5.27 19.23
C LEU A 271 -17.31 -5.21 19.97
N LEU A 272 -16.81 -4.00 20.25
CA LEU A 272 -15.53 -3.88 20.94
C LEU A 272 -15.67 -4.27 22.41
N GLN A 273 -16.79 -3.91 23.02
CA GLN A 273 -17.01 -4.18 24.44
C GLN A 273 -17.38 -5.64 24.69
N ASN A 274 -18.14 -6.25 23.78
CA ASN A 274 -18.72 -7.57 23.99
C ASN A 274 -18.09 -8.66 23.14
N GLY A 275 -17.34 -8.32 22.10
CA GLY A 275 -16.85 -9.32 21.17
C GLY A 275 -17.94 -9.76 20.21
N MET A 276 -17.56 -10.69 19.35
CA MET A 276 -18.46 -11.16 18.30
C MET A 276 -19.26 -12.40 18.70
N ASN A 277 -19.05 -12.93 19.89
CA ASN A 277 -19.83 -14.04 20.42
C ASN A 277 -19.84 -15.23 19.46
N GLY A 278 -18.65 -15.57 18.96
CA GLY A 278 -18.50 -16.69 18.05
C GLY A 278 -19.23 -16.54 16.72
N ARG A 279 -19.45 -15.31 16.26
CA ARG A 279 -20.07 -15.10 14.96
C ARG A 279 -19.08 -14.42 14.02
N THR A 280 -19.43 -14.46 12.73
CA THR A 280 -18.61 -13.86 11.69
C THR A 280 -19.35 -12.72 11.01
N ILE A 281 -18.57 -11.83 10.42
CA ILE A 281 -19.09 -10.74 9.59
C ILE A 281 -18.37 -10.83 8.26
N LEU A 282 -19.13 -10.97 7.17
CA LEU A 282 -18.57 -11.13 5.82
C LEU A 282 -17.53 -12.25 5.80
N GLY A 283 -17.83 -13.33 6.53
CA GLY A 283 -16.97 -14.49 6.56
C GLY A 283 -15.73 -14.36 7.40
N SER A 284 -15.60 -13.32 8.22
CA SER A 284 -14.42 -13.12 9.05
CA SER A 284 -14.42 -13.10 9.04
C SER A 284 -14.79 -13.13 10.52
N ALA A 285 -13.93 -13.74 11.33
CA ALA A 285 -14.10 -13.78 12.78
C ALA A 285 -13.45 -12.59 13.47
N LEU A 286 -12.77 -11.73 12.72
CA LEU A 286 -12.13 -10.54 13.23
C LEU A 286 -12.65 -9.34 12.46
N LEU A 287 -12.67 -8.19 13.12
CA LEU A 287 -13.04 -6.97 12.43
C LEU A 287 -11.93 -6.59 11.46
N GLU A 288 -12.32 -6.23 10.25
CA GLU A 288 -11.38 -5.96 9.16
C GLU A 288 -11.20 -4.46 8.99
N ASP A 289 -9.95 -4.00 8.89
CA ASP A 289 -9.70 -2.57 8.79
C ASP A 289 -8.87 -2.18 7.58
N GLU A 290 -8.80 -3.02 6.53
CA GLU A 290 -8.02 -2.66 5.37
C GLU A 290 -8.90 -2.45 4.13
N PHE A 291 -10.16 -2.04 4.33
CA PHE A 291 -11.00 -1.51 3.25
C PHE A 291 -11.36 -0.07 3.57
N THR A 292 -11.03 0.86 2.68
CA THR A 292 -11.44 2.25 2.87
C THR A 292 -12.89 2.44 2.48
N PRO A 293 -13.47 3.58 2.87
CA PRO A 293 -14.82 3.88 2.36
C PRO A 293 -14.89 3.85 0.84
N PHE A 294 -13.87 4.35 0.14
CA PHE A 294 -13.91 4.29 -1.32
C PHE A 294 -13.79 2.86 -1.82
N ASP A 295 -12.98 2.03 -1.15
CA ASP A 295 -12.89 0.64 -1.56
C ASP A 295 -14.25 -0.03 -1.52
N VAL A 296 -15.03 0.28 -0.47
CA VAL A 296 -16.35 -0.32 -0.36
C VAL A 296 -17.25 0.16 -1.47
N VAL A 297 -17.21 1.46 -1.77
CA VAL A 297 -18.04 2.00 -2.85
C VAL A 297 -17.60 1.44 -4.20
N ARG A 298 -16.28 1.42 -4.46
CA ARG A 298 -15.79 0.92 -5.75
C ARG A 298 -16.20 -0.52 -5.98
N GLN A 299 -16.12 -1.35 -4.93
CA GLN A 299 -16.42 -2.77 -5.10
C GLN A 299 -17.92 -3.02 -5.13
N CYS A 300 -18.66 -2.41 -4.21
CA CYS A 300 -20.10 -2.65 -4.16
C CYS A 300 -20.86 -1.92 -5.26
N SER A 301 -20.25 -0.98 -5.98
CA SER A 301 -20.95 -0.27 -7.06
C SER A 301 -20.38 -0.54 -8.45
N GLY A 302 -19.32 -1.33 -8.57
CA GLY A 302 -18.83 -1.74 -9.88
C GLY A 302 -18.09 -0.67 -10.66
N VAL A 303 -17.34 0.19 -9.97
CA VAL A 303 -16.52 1.19 -10.65
C VAL A 303 -15.44 0.48 -11.48
N THR A 304 -15.27 0.93 -12.73
CA THR A 304 -14.33 0.32 -13.66
C THR A 304 -13.26 1.32 -14.08
N PHE A 305 -12.28 0.82 -14.82
CA PHE A 305 -11.10 1.60 -15.15
C PHE A 305 -10.73 1.35 -16.61
N GLN A 306 -10.02 2.30 -17.19
CA GLN A 306 -9.60 2.19 -18.59
C GLN A 306 -8.38 1.30 -18.75
C8 4WI B . 11.69 -8.43 2.13
C3 4WI B . 14.46 -6.33 -1.52
C1 4WI B . 16.08 -6.32 1.83
C13 4WI B . 15.85 -6.29 4.88
C21 4WI B . 16.19 -5.24 8.11
C6 4WI B . 13.84 -9.34 1.58
C7 4WI B . 13.06 -10.28 2.60
C10 4WI B . 18.42 -5.61 4.25
C5 4WI B . 13.18 -8.10 1.68
C9 4WI B . 16.49 -5.21 2.78
C11 4WI B . 18.90 -4.67 3.31
C12 4WI B . 17.74 -4.33 2.36
C18 4WI B . 18.52 -3.20 3.02
C19 4WI B . 17.67 -2.55 4.14
C20 4WI B . 19.44 -2.36 2.11
C16 4WI B . 16.89 -8.95 5.05
C17 4WI B . 16.72 -8.90 7.60
C23 4WI B . 14.62 -8.77 6.23
C4 4WI B . 13.10 -7.35 0.32
C2 4WI B . 14.51 -6.92 -0.12
C14 4WI B . 16.30 -6.83 6.22
C22 4WI B . 15.29 -4.45 9.06
C15 4WI B . 16.12 -8.36 6.26
N5 4WI B . 14.71 -7.06 -2.51
N2 4WI B . 11.63 -9.69 2.65
N3 4WI B . 16.85 -5.72 3.98
N1 4WI B . 15.01 -5.95 0.84
N4 4WI B . 15.53 -6.11 7.18
O1 4WI B . 10.76 -7.69 2.04
O2 4WI B . 16.56 -7.40 1.89
O3 4WI B . 14.73 -6.26 4.48
O4 4WI B . 17.39 -5.16 8.09
F1 4WI B . 14.90 -5.22 10.11
F2 4WI B . 14.15 -4.11 8.39
F3 4WI B . 15.97 -3.32 9.40
C LQZ C . 0.96 12.34 -17.37
N LQZ C . 1.42 13.18 -15.10
O LQZ C . 0.77 11.28 -16.88
CA LQZ C . 1.36 13.55 -16.52
CAA LQZ C . 3.78 12.61 -15.15
CAB LQZ C . -1.00 13.35 -14.78
CAC LQZ C . -1.59 12.86 -20.15
CAD LQZ C . 2.52 10.10 -19.18
CAF LQZ C . -0.46 9.48 -21.44
CAG LQZ C . -1.23 10.63 -21.25
CAH LQZ C . 0.75 9.31 -20.78
CAI LQZ C . 2.71 13.50 -14.53
CAJ LQZ C . 0.38 13.89 -14.37
NAL LQZ C . 0.84 12.51 -18.81
CAN LQZ C . -0.77 11.60 -20.38
CAO LQZ C . 1.20 10.29 -19.91
CAP LQZ C . 0.43 11.44 -19.70
#